data_2F07
#
_entry.id   2F07
#
_cell.length_a   115.608
_cell.length_b   115.608
_cell.length_c   97.032
_cell.angle_alpha   90.00
_cell.angle_beta   90.00
_cell.angle_gamma   120.00
#
_symmetry.space_group_name_H-M   'P 65'
#
loop_
_entity.id
_entity.type
_entity.pdbx_description
1 polymer YvdT
2 non-polymer 2-[BIS-(2-HYDROXY-ETHYL)-AMINO]-2-HYDROXYMETHYL-PROPANE-1,3-DIOL
3 water water
#
_entity_poly.entity_id   1
_entity_poly.type   'polypeptide(L)'
_entity_poly.pdbx_seq_one_letter_code
;PFTMPKQTSGKYEKILQAAIEVISEKGLDKASISDIVKKAGTAQGTFYLYFSSKNALIPAIAENLLTHTLDQIKGRLHGD
EDFWTVLDILIDETFLITERHKDIIVLCYSGLAIDHSMEKWETIYQPYYSWLEKIINKAIANHEVTEGINSKWTARTIIN
LVENTAERFYIGFEQDENVEVYKKEIFTFLKRSLGTA
;
_entity_poly.pdbx_strand_id   A,B
#
loop_
_chem_comp.id
_chem_comp.type
_chem_comp.name
_chem_comp.formula
BTB non-polymer 2-[BIS-(2-HYDROXY-ETHYL)-AMINO]-2-HYDROXYMETHYL-PROPANE-1,3-DIOL 'C8 H19 N O5'
#
# COMPACT_ATOMS: atom_id res chain seq x y z
N PRO A 1 -14.71 32.58 -27.38
CA PRO A 1 -15.23 31.22 -27.08
C PRO A 1 -15.71 31.11 -25.64
N PHE A 2 -15.82 29.88 -25.14
CA PHE A 2 -16.30 29.67 -23.78
C PHE A 2 -15.23 29.69 -22.69
N THR A 3 -15.45 30.54 -21.70
CA THR A 3 -14.56 30.67 -20.56
C THR A 3 -15.33 30.18 -19.34
N MET A 4 -14.90 29.05 -18.80
CA MET A 4 -15.52 28.46 -17.62
C MET A 4 -15.72 29.47 -16.48
N PRO A 5 -16.94 29.58 -15.95
CA PRO A 5 -17.16 30.52 -14.84
C PRO A 5 -16.33 30.06 -13.66
N LYS A 6 -16.16 30.95 -12.68
CA LYS A 6 -15.41 30.60 -11.49
C LYS A 6 -16.23 29.61 -10.73
N GLN A 7 -17.53 29.58 -11.02
CA GLN A 7 -18.51 28.66 -10.42
C GLN A 7 -17.86 27.73 -9.40
N THR A 8 -18.23 27.91 -8.13
CA THR A 8 -17.74 27.12 -7.01
C THR A 8 -19.07 26.57 -6.49
N SER A 9 -19.71 25.83 -7.40
CA SER A 9 -21.06 25.20 -7.34
C SER A 9 -21.85 24.51 -6.19
N GLY A 10 -21.25 24.07 -5.09
CA GLY A 10 -22.11 23.46 -4.04
C GLY A 10 -22.79 22.09 -4.17
N LYS A 11 -23.60 21.87 -5.20
CA LYS A 11 -24.29 20.58 -5.36
C LYS A 11 -23.33 19.40 -5.28
N TYR A 12 -22.32 19.41 -6.15
CA TYR A 12 -21.31 18.35 -6.17
C TYR A 12 -20.69 18.20 -4.78
N GLU A 13 -20.20 19.31 -4.24
CA GLU A 13 -19.57 19.32 -2.92
C GLU A 13 -20.55 18.86 -1.84
N LYS A 14 -21.81 19.31 -1.94
CA LYS A 14 -22.83 18.93 -0.97
C LYS A 14 -22.99 17.41 -0.91
N ILE A 15 -23.04 16.79 -2.08
CA ILE A 15 -23.21 15.35 -2.18
C ILE A 15 -21.96 14.59 -1.74
N LEU A 16 -20.79 15.05 -2.16
CA LEU A 16 -19.55 14.37 -1.79
C LEU A 16 -19.39 14.38 -0.27
N GLN A 17 -19.66 15.53 0.34
CA GLN A 17 -19.56 15.66 1.79
C GLN A 17 -20.62 14.79 2.47
N ALA A 18 -21.80 14.77 1.89
CA ALA A 18 -22.89 13.97 2.43
C ALA A 18 -22.49 12.50 2.37
N ALA A 19 -22.01 12.08 1.20
CA ALA A 19 -21.59 10.70 1.01
C ALA A 19 -20.52 10.31 2.01
N ILE A 20 -19.56 11.20 2.24
CA ILE A 20 -18.48 10.95 3.18
C ILE A 20 -19.04 10.73 4.59
N GLU A 21 -20.05 11.51 4.95
CA GLU A 21 -20.67 11.40 6.27
C GLU A 21 -21.51 10.14 6.45
N VAL A 22 -22.32 9.80 5.44
CA VAL A 22 -23.15 8.61 5.52
C VAL A 22 -22.29 7.35 5.51
N ILE A 23 -21.31 7.30 4.61
CA ILE A 23 -20.42 6.14 4.51
C ILE A 23 -19.67 5.92 5.83
N SER A 24 -19.36 7.02 6.52
CA SER A 24 -18.64 6.94 7.79
C SER A 24 -19.52 6.38 8.90
N GLU A 25 -20.75 6.87 8.99
CA GLU A 25 -21.69 6.45 10.02
C GLU A 25 -22.25 5.03 9.92
N LYS A 26 -22.19 4.41 8.74
CA LYS A 26 -22.72 3.06 8.60
C LYS A 26 -21.94 2.15 7.66
N GLY A 27 -20.94 2.71 6.98
CA GLY A 27 -20.15 1.91 6.06
C GLY A 27 -20.56 2.13 4.62
N LEU A 28 -19.67 1.78 3.70
CA LEU A 28 -19.92 1.95 2.28
C LEU A 28 -21.09 1.11 1.75
N ASP A 29 -21.11 -0.17 2.12
CA ASP A 29 -22.14 -1.07 1.63
C ASP A 29 -23.54 -0.95 2.26
N LYS A 30 -23.63 -0.38 3.45
CA LYS A 30 -24.92 -0.22 4.11
C LYS A 30 -25.53 1.13 3.79
N ALA A 31 -24.76 1.96 3.09
CA ALA A 31 -25.22 3.29 2.71
C ALA A 31 -26.16 3.20 1.50
N SER A 32 -27.10 4.13 1.41
CA SER A 32 -28.02 4.15 0.29
C SER A 32 -27.77 5.48 -0.41
N ILE A 33 -27.83 5.46 -1.73
CA ILE A 33 -27.65 6.70 -2.48
C ILE A 33 -28.80 7.57 -1.98
N SER A 34 -29.86 6.88 -1.54
CA SER A 34 -31.06 7.53 -1.01
C SER A 34 -30.73 8.33 0.25
N ASP A 35 -30.03 7.69 1.18
CA ASP A 35 -29.63 8.32 2.44
C ASP A 35 -28.69 9.48 2.18
N ILE A 36 -27.73 9.26 1.31
CA ILE A 36 -26.76 10.29 0.95
C ILE A 36 -27.48 11.50 0.37
N VAL A 37 -28.27 11.26 -0.66
CA VAL A 37 -29.03 12.29 -1.34
C VAL A 37 -29.95 13.07 -0.38
N LYS A 38 -30.61 12.36 0.53
CA LYS A 38 -31.50 13.02 1.49
C LYS A 38 -30.72 13.76 2.56
N LYS A 39 -29.46 13.40 2.76
CA LYS A 39 -28.64 14.06 3.76
C LYS A 39 -28.01 15.31 3.14
N ALA A 40 -27.94 15.34 1.82
CA ALA A 40 -27.38 16.48 1.10
C ALA A 40 -28.48 17.46 0.76
N GLY A 41 -29.73 17.01 0.90
CA GLY A 41 -30.86 17.87 0.59
C GLY A 41 -31.01 18.08 -0.90
N THR A 42 -31.06 16.97 -1.65
CA THR A 42 -31.22 17.02 -3.09
C THR A 42 -31.97 15.76 -3.53
N ALA A 43 -32.23 15.65 -4.83
CA ALA A 43 -32.91 14.48 -5.38
C ALA A 43 -31.86 13.46 -5.84
N GLN A 44 -32.30 12.24 -6.15
CA GLN A 44 -31.37 11.21 -6.61
C GLN A 44 -30.70 11.64 -7.92
N GLY A 45 -31.40 12.46 -8.69
CA GLY A 45 -30.84 12.91 -9.96
C GLY A 45 -29.53 13.66 -9.76
N THR A 46 -29.43 14.40 -8.66
CA THR A 46 -28.22 15.17 -8.41
C THR A 46 -27.02 14.24 -8.20
N PHE A 47 -27.26 13.10 -7.56
CA PHE A 47 -26.20 12.14 -7.31
C PHE A 47 -25.67 11.57 -8.62
N TYR A 48 -26.56 11.01 -9.43
CA TYR A 48 -26.18 10.40 -10.70
C TYR A 48 -25.62 11.35 -11.73
N LEU A 49 -25.85 12.65 -11.55
CA LEU A 49 -25.29 13.63 -12.47
C LEU A 49 -23.76 13.66 -12.29
N TYR A 50 -23.32 13.45 -11.06
CA TYR A 50 -21.90 13.49 -10.74
C TYR A 50 -21.24 12.13 -10.53
N PHE A 51 -22.02 11.12 -10.18
CA PHE A 51 -21.46 9.78 -9.93
C PHE A 51 -22.32 8.66 -10.50
N SER A 52 -21.70 7.77 -11.26
CA SER A 52 -22.42 6.65 -11.87
C SER A 52 -22.82 5.61 -10.83
N SER A 53 -22.14 5.61 -9.69
CA SER A 53 -22.43 4.66 -8.62
C SER A 53 -21.72 5.06 -7.34
N LYS A 54 -21.90 4.25 -6.29
CA LYS A 54 -21.27 4.49 -5.01
C LYS A 54 -19.76 4.32 -5.14
N ASN A 55 -19.36 3.38 -5.99
CA ASN A 55 -17.94 3.12 -6.22
C ASN A 55 -17.26 4.32 -6.88
N ALA A 56 -17.97 4.99 -7.78
CA ALA A 56 -17.41 6.15 -8.47
C ALA A 56 -17.06 7.29 -7.51
N LEU A 57 -17.54 7.21 -6.27
CA LEU A 57 -17.24 8.22 -5.26
C LEU A 57 -15.81 8.09 -4.72
N ILE A 58 -15.27 6.87 -4.72
CA ILE A 58 -13.93 6.60 -4.19
C ILE A 58 -12.82 7.53 -4.69
N PRO A 59 -12.63 7.63 -6.02
CA PRO A 59 -11.57 8.53 -6.52
C PRO A 59 -11.69 9.96 -5.98
N ALA A 60 -12.91 10.48 -5.95
CA ALA A 60 -13.13 11.84 -5.48
C ALA A 60 -12.85 11.95 -3.98
N ILE A 61 -13.18 10.91 -3.23
CA ILE A 61 -12.93 10.92 -1.81
C ILE A 61 -11.43 10.88 -1.56
N ALA A 62 -10.72 10.07 -2.34
CA ALA A 62 -9.27 9.95 -2.20
C ALA A 62 -8.59 11.29 -2.54
N GLU A 63 -9.10 11.98 -3.56
CA GLU A 63 -8.52 13.26 -3.92
C GLU A 63 -8.68 14.25 -2.77
N ASN A 64 -9.85 14.27 -2.14
CA ASN A 64 -10.05 15.20 -1.04
C ASN A 64 -9.16 14.90 0.16
N LEU A 65 -8.92 13.63 0.44
CA LEU A 65 -8.03 13.27 1.54
C LEU A 65 -6.62 13.75 1.19
N LEU A 66 -6.23 13.59 -0.08
CA LEU A 66 -4.90 14.01 -0.52
C LEU A 66 -4.70 15.51 -0.44
N THR A 67 -5.67 16.30 -0.92
CA THR A 67 -5.47 17.74 -0.83
C THR A 67 -5.57 18.21 0.62
N HIS A 68 -6.23 17.44 1.46
CA HIS A 68 -6.34 17.78 2.88
C HIS A 68 -4.99 17.56 3.56
N THR A 69 -4.33 16.47 3.17
CA THR A 69 -3.01 16.13 3.71
C THR A 69 -1.96 17.17 3.33
N LEU A 70 -1.98 17.58 2.07
CA LEU A 70 -1.02 18.56 1.58
C LEU A 70 -1.30 19.93 2.21
N ASP A 71 -2.58 20.29 2.35
CA ASP A 71 -2.94 21.57 2.97
C ASP A 71 -2.43 21.61 4.43
N GLN A 72 -2.63 20.52 5.15
CA GLN A 72 -2.19 20.43 6.54
C GLN A 72 -0.69 20.63 6.68
N ILE A 73 0.07 19.98 5.80
CA ILE A 73 1.52 20.10 5.83
C ILE A 73 1.92 21.54 5.50
N LYS A 74 1.38 22.08 4.41
CA LYS A 74 1.69 23.45 4.01
C LYS A 74 1.28 24.43 5.11
N GLY A 75 0.17 24.14 5.77
CA GLY A 75 -0.33 24.99 6.83
C GLY A 75 0.66 25.19 7.97
N ARG A 76 1.61 24.27 8.11
CA ARG A 76 2.60 24.36 9.17
C ARG A 76 3.95 24.87 8.67
N LEU A 77 3.99 25.33 7.42
CA LEU A 77 5.24 25.83 6.86
C LEU A 77 5.17 27.29 6.41
N HIS A 78 6.30 27.97 6.46
CA HIS A 78 6.36 29.37 6.04
C HIS A 78 7.06 29.47 4.68
N GLY A 79 7.84 28.46 4.34
CA GLY A 79 8.52 28.45 3.06
C GLY A 79 10.04 28.49 3.05
N ASP A 80 10.64 28.92 4.15
CA ASP A 80 12.09 28.98 4.21
C ASP A 80 12.71 27.89 5.10
N GLU A 81 11.87 26.94 5.52
CA GLU A 81 12.34 25.86 6.36
C GLU A 81 13.40 25.00 5.69
N ASP A 82 14.27 24.40 6.50
CA ASP A 82 15.31 23.51 5.99
C ASP A 82 14.61 22.17 5.70
N PHE A 83 15.24 21.35 4.87
CA PHE A 83 14.67 20.07 4.50
C PHE A 83 14.24 19.15 5.64
N TRP A 84 15.10 19.01 6.64
CA TRP A 84 14.79 18.12 7.75
C TRP A 84 13.59 18.54 8.56
N THR A 85 13.37 19.85 8.64
CA THR A 85 12.24 20.42 9.35
C THR A 85 10.95 20.13 8.57
N VAL A 86 11.05 20.25 7.24
CA VAL A 86 9.91 19.96 6.39
C VAL A 86 9.56 18.48 6.59
N LEU A 87 10.56 17.61 6.56
CA LEU A 87 10.37 16.17 6.75
C LEU A 87 9.70 15.85 8.08
N ASP A 88 10.18 16.47 9.15
CA ASP A 88 9.63 16.26 10.49
C ASP A 88 8.12 16.48 10.44
N ILE A 89 7.74 17.62 9.88
CA ILE A 89 6.34 17.99 9.75
C ILE A 89 5.56 17.02 8.85
N LEU A 90 6.15 16.61 7.73
CA LEU A 90 5.47 15.69 6.82
C LEU A 90 5.19 14.35 7.52
N ILE A 91 6.16 13.91 8.31
CA ILE A 91 6.01 12.65 9.05
C ILE A 91 4.94 12.78 10.12
N ASP A 92 5.01 13.85 10.91
CA ASP A 92 4.04 14.07 11.98
C ASP A 92 2.61 14.13 11.42
N GLU A 93 2.39 14.97 10.41
CA GLU A 93 1.05 15.09 9.82
C GLU A 93 0.49 13.80 9.26
N THR A 94 1.33 13.03 8.57
CA THR A 94 0.90 11.77 7.98
C THR A 94 0.42 10.76 9.03
N PHE A 95 1.12 10.68 10.17
CA PHE A 95 0.69 9.78 11.22
C PHE A 95 -0.59 10.29 11.86
N LEU A 96 -0.68 11.60 12.02
CA LEU A 96 -1.88 12.22 12.61
C LEU A 96 -3.10 11.97 11.73
N ILE A 97 -2.95 12.16 10.42
CA ILE A 97 -4.05 11.96 9.48
C ILE A 97 -4.44 10.49 9.33
N THR A 98 -3.45 9.60 9.38
CA THR A 98 -3.73 8.18 9.27
C THR A 98 -4.45 7.70 10.51
N GLU A 99 -4.06 8.24 11.66
CA GLU A 99 -4.70 7.86 12.92
C GLU A 99 -6.17 8.27 12.90
N ARG A 100 -6.42 9.50 12.48
CA ARG A 100 -7.77 10.04 12.46
C ARG A 100 -8.67 9.60 11.30
N HIS A 101 -8.10 9.40 10.11
CA HIS A 101 -8.94 9.01 8.99
C HIS A 101 -8.62 7.64 8.40
N LYS A 102 -8.18 6.70 9.24
CA LYS A 102 -7.86 5.37 8.72
C LYS A 102 -9.04 4.70 7.99
N ASP A 103 -10.26 5.01 8.42
CA ASP A 103 -11.45 4.43 7.79
C ASP A 103 -11.54 4.85 6.31
N ILE A 104 -11.14 6.09 6.03
CA ILE A 104 -11.18 6.61 4.66
C ILE A 104 -10.06 6.03 3.80
N ILE A 105 -8.89 5.83 4.41
CA ILE A 105 -7.75 5.25 3.71
C ILE A 105 -8.08 3.80 3.30
N VAL A 106 -8.63 3.02 4.22
CA VAL A 106 -9.00 1.64 3.94
C VAL A 106 -10.07 1.63 2.84
N LEU A 107 -11.01 2.56 2.93
CA LEU A 107 -12.07 2.69 1.94
C LEU A 107 -11.49 2.95 0.54
N CYS A 108 -10.44 3.76 0.45
CA CYS A 108 -9.85 4.04 -0.85
C CYS A 108 -9.16 2.80 -1.42
N TYR A 109 -8.48 2.05 -0.56
CA TYR A 109 -7.80 0.85 -1.01
C TYR A 109 -8.79 -0.15 -1.59
N SER A 110 -9.92 -0.33 -0.89
CA SER A 110 -10.94 -1.27 -1.32
C SER A 110 -11.64 -0.85 -2.60
N GLY A 111 -12.02 0.42 -2.68
CA GLY A 111 -12.72 0.90 -3.86
C GLY A 111 -11.90 0.98 -5.12
N LEU A 112 -10.87 1.82 -5.09
CA LEU A 112 -10.01 1.98 -6.25
C LEU A 112 -9.63 0.59 -6.79
N ALA A 113 -9.34 -0.34 -5.88
CA ALA A 113 -8.95 -1.69 -6.28
C ALA A 113 -10.09 -2.46 -6.93
N ILE A 114 -11.26 -2.44 -6.28
CA ILE A 114 -12.43 -3.13 -6.81
C ILE A 114 -12.73 -2.68 -8.24
N ASP A 115 -12.44 -1.42 -8.55
CA ASP A 115 -12.70 -0.87 -9.87
C ASP A 115 -11.47 -0.83 -10.80
N HIS A 116 -10.45 -1.60 -10.45
CA HIS A 116 -9.21 -1.68 -11.24
C HIS A 116 -8.66 -0.32 -11.65
N SER A 117 -8.53 0.59 -10.70
CA SER A 117 -8.02 1.92 -10.98
C SER A 117 -7.04 2.43 -9.92
N MET A 118 -6.22 1.54 -9.39
CA MET A 118 -5.25 1.96 -8.38
C MET A 118 -4.27 2.97 -8.94
N GLU A 119 -4.17 3.07 -10.26
CA GLU A 119 -3.27 4.03 -10.88
C GLU A 119 -3.82 5.46 -10.75
N LYS A 120 -5.13 5.58 -10.53
CA LYS A 120 -5.72 6.90 -10.37
C LYS A 120 -5.14 7.53 -9.11
N TRP A 121 -4.78 6.70 -8.14
CA TRP A 121 -4.21 7.21 -6.90
C TRP A 121 -2.86 7.92 -7.16
N GLU A 122 -2.09 7.42 -8.13
CA GLU A 122 -0.80 8.06 -8.46
C GLU A 122 -1.05 9.43 -9.08
N THR A 123 -2.04 9.49 -9.99
CA THR A 123 -2.39 10.75 -10.65
C THR A 123 -2.79 11.73 -9.55
N ILE A 124 -3.63 11.27 -8.63
CA ILE A 124 -4.11 12.08 -7.53
C ILE A 124 -2.97 12.67 -6.71
N TYR A 125 -1.92 11.90 -6.48
CA TYR A 125 -0.76 12.36 -5.70
C TYR A 125 0.19 13.31 -6.42
N GLN A 126 0.02 13.48 -7.73
CA GLN A 126 0.90 14.35 -8.53
C GLN A 126 1.25 15.71 -7.89
N PRO A 127 0.25 16.46 -7.42
CA PRO A 127 0.53 17.77 -6.81
C PRO A 127 1.39 17.65 -5.54
N TYR A 128 1.20 16.56 -4.81
CA TYR A 128 1.95 16.32 -3.57
C TYR A 128 3.38 15.91 -3.94
N TYR A 129 3.52 15.00 -4.91
CA TYR A 129 4.83 14.55 -5.38
C TYR A 129 5.61 15.74 -5.94
N SER A 130 4.95 16.51 -6.80
CA SER A 130 5.56 17.68 -7.42
C SER A 130 6.06 18.67 -6.38
N TRP A 131 5.22 18.96 -5.39
CA TRP A 131 5.58 19.87 -4.32
C TRP A 131 6.80 19.38 -3.54
N LEU A 132 6.85 18.10 -3.20
CA LEU A 132 7.98 17.57 -2.44
C LEU A 132 9.23 17.59 -3.32
N GLU A 133 9.03 17.33 -4.61
CA GLU A 133 10.11 17.31 -5.58
C GLU A 133 10.85 18.66 -5.57
N LYS A 134 10.11 19.76 -5.64
CA LYS A 134 10.72 21.08 -5.63
C LYS A 134 11.47 21.35 -4.32
N ILE A 135 10.93 20.84 -3.22
CA ILE A 135 11.55 21.03 -1.93
C ILE A 135 12.89 20.27 -1.87
N ILE A 136 12.93 19.09 -2.48
CA ILE A 136 14.16 18.31 -2.51
C ILE A 136 15.20 19.01 -3.38
N ASN A 137 14.78 19.57 -4.51
CA ASN A 137 15.70 20.29 -5.40
C ASN A 137 16.27 21.47 -4.63
N LYS A 138 15.41 22.14 -3.88
CA LYS A 138 15.81 23.28 -3.09
C LYS A 138 16.80 22.85 -2.01
N ALA A 139 16.60 21.65 -1.47
CA ALA A 139 17.49 21.13 -0.43
C ALA A 139 18.84 20.69 -1.01
N ILE A 140 18.84 20.30 -2.27
CA ILE A 140 20.07 19.88 -2.92
C ILE A 140 20.94 21.11 -3.18
N ALA A 141 20.32 22.16 -3.70
CA ALA A 141 21.02 23.40 -3.99
C ALA A 141 21.59 24.02 -2.72
N ASN A 142 21.02 23.69 -1.57
CA ASN A 142 21.49 24.24 -0.30
C ASN A 142 22.35 23.25 0.49
N HIS A 143 22.83 22.21 -0.19
CA HIS A 143 23.68 21.20 0.42
C HIS A 143 23.13 20.53 1.67
N GLU A 144 21.80 20.42 1.73
CA GLU A 144 21.17 19.75 2.86
C GLU A 144 20.95 18.29 2.51
N VAL A 145 20.84 18.01 1.21
CA VAL A 145 20.64 16.66 0.69
C VAL A 145 21.68 16.34 -0.37
N THR A 146 22.23 15.13 -0.32
CA THR A 146 23.27 14.74 -1.28
C THR A 146 22.86 15.04 -2.72
N GLU A 147 23.84 15.45 -3.51
CA GLU A 147 23.62 15.79 -4.90
C GLU A 147 23.58 14.52 -5.75
N GLY A 148 22.87 14.57 -6.86
CA GLY A 148 22.81 13.41 -7.74
C GLY A 148 21.57 12.56 -7.64
N ILE A 149 20.92 12.54 -6.47
CA ILE A 149 19.72 11.73 -6.33
C ILE A 149 18.63 12.18 -7.31
N ASN A 150 17.75 11.26 -7.69
CA ASN A 150 16.63 11.55 -8.56
C ASN A 150 15.54 12.11 -7.66
N SER A 151 15.30 13.42 -7.74
CA SER A 151 14.31 14.08 -6.88
C SER A 151 12.85 13.67 -7.10
N LYS A 152 12.48 13.40 -8.34
CA LYS A 152 11.11 12.97 -8.63
C LYS A 152 10.87 11.61 -7.98
N TRP A 153 11.81 10.70 -8.18
CA TRP A 153 11.71 9.36 -7.61
C TRP A 153 11.78 9.40 -6.09
N THR A 154 12.69 10.22 -5.56
CA THR A 154 12.87 10.31 -4.13
C THR A 154 11.66 10.89 -3.40
N ALA A 155 11.00 11.87 -4.02
CA ALA A 155 9.81 12.45 -3.42
C ALA A 155 8.77 11.35 -3.21
N ARG A 156 8.56 10.55 -4.26
CA ARG A 156 7.60 9.46 -4.21
C ARG A 156 8.01 8.38 -3.20
N THR A 157 9.31 8.08 -3.15
CA THR A 157 9.80 7.06 -2.24
C THR A 157 9.61 7.51 -0.79
N ILE A 158 9.93 8.77 -0.52
CA ILE A 158 9.78 9.31 0.83
C ILE A 158 8.32 9.20 1.27
N ILE A 159 7.41 9.64 0.41
CA ILE A 159 5.99 9.62 0.72
C ILE A 159 5.47 8.19 0.93
N ASN A 160 5.93 7.25 0.12
CA ASN A 160 5.50 5.85 0.27
C ASN A 160 5.91 5.31 1.62
N LEU A 161 7.19 5.46 1.93
CA LEU A 161 7.77 4.97 3.16
C LEU A 161 7.03 5.49 4.40
N VAL A 162 6.83 6.80 4.44
CA VAL A 162 6.17 7.41 5.59
C VAL A 162 4.73 6.92 5.74
N GLU A 163 3.99 6.86 4.65
CA GLU A 163 2.60 6.40 4.71
C GLU A 163 2.53 4.89 5.03
N ASN A 164 3.46 4.11 4.50
CA ASN A 164 3.43 2.68 4.80
C ASN A 164 3.71 2.49 6.30
N THR A 165 4.68 3.24 6.83
CA THR A 165 5.00 3.14 8.25
C THR A 165 3.78 3.54 9.10
N ALA A 166 3.11 4.63 8.74
CA ALA A 166 1.93 5.09 9.49
C ALA A 166 0.81 4.06 9.39
N GLU A 167 0.62 3.50 8.20
CA GLU A 167 -0.40 2.50 7.99
C GLU A 167 -0.12 1.23 8.79
N ARG A 168 1.14 0.81 8.84
CA ARG A 168 1.50 -0.38 9.61
C ARG A 168 1.14 -0.21 11.08
N PHE A 169 1.32 1.00 11.59
CA PHE A 169 1.03 1.29 12.99
C PHE A 169 -0.47 1.40 13.29
N TYR A 170 -1.18 2.28 12.58
CA TYR A 170 -2.60 2.48 12.87
C TYR A 170 -3.58 1.50 12.23
N ILE A 171 -3.20 0.91 11.10
CA ILE A 171 -4.09 -0.01 10.40
C ILE A 171 -3.62 -1.47 10.51
N GLY A 172 -2.32 -1.68 10.47
CA GLY A 172 -1.80 -3.03 10.58
C GLY A 172 -1.62 -3.37 12.06
N PHE A 173 -1.84 -2.37 12.91
CA PHE A 173 -1.69 -2.50 14.36
C PHE A 173 -0.32 -2.96 14.87
N GLU A 174 0.73 -2.61 14.15
CA GLU A 174 2.07 -2.96 14.58
C GLU A 174 2.46 -1.83 15.55
N GLN A 175 2.19 -2.04 16.83
CA GLN A 175 2.50 -1.03 17.84
C GLN A 175 3.36 -1.63 18.97
N ASP A 176 4.53 -2.14 18.60
CA ASP A 176 5.44 -2.75 19.56
C ASP A 176 6.25 -1.70 20.29
N GLU A 177 6.15 -0.45 19.84
CA GLU A 177 6.84 0.67 20.47
C GLU A 177 5.93 1.90 20.40
N ASN A 178 6.24 2.92 21.19
CA ASN A 178 5.47 4.15 21.20
C ASN A 178 5.53 4.74 19.79
N VAL A 179 4.43 5.33 19.32
CA VAL A 179 4.41 5.90 17.98
C VAL A 179 5.55 6.88 17.70
N GLU A 180 6.01 7.60 18.71
CA GLU A 180 7.09 8.55 18.49
C GLU A 180 8.36 7.84 18.07
N VAL A 181 8.57 6.61 18.54
CA VAL A 181 9.77 5.87 18.16
C VAL A 181 9.71 5.49 16.68
N TYR A 182 8.52 5.11 16.22
CA TYR A 182 8.37 4.76 14.80
C TYR A 182 8.67 5.96 13.91
N LYS A 183 8.08 7.12 14.23
CA LYS A 183 8.31 8.33 13.45
C LYS A 183 9.79 8.69 13.43
N LYS A 184 10.46 8.57 14.57
CA LYS A 184 11.89 8.89 14.62
C LYS A 184 12.68 7.89 13.76
N GLU A 185 12.25 6.63 13.76
CA GLU A 185 12.90 5.60 12.97
C GLU A 185 12.87 5.95 11.48
N ILE A 186 11.71 6.39 10.99
CA ILE A 186 11.58 6.75 9.58
C ILE A 186 12.48 7.91 9.25
N PHE A 187 12.52 8.88 10.16
CA PHE A 187 13.32 10.07 9.97
C PHE A 187 14.82 9.75 9.89
N THR A 188 15.31 8.91 10.80
CA THR A 188 16.73 8.54 10.82
C THR A 188 17.08 7.72 9.57
N PHE A 189 16.18 6.83 9.17
CA PHE A 189 16.38 6.01 7.99
C PHE A 189 16.54 6.89 6.76
N LEU A 190 15.65 7.87 6.62
CA LEU A 190 15.70 8.79 5.47
C LEU A 190 16.91 9.71 5.56
N LYS A 191 17.23 10.16 6.77
CA LYS A 191 18.37 11.04 7.01
C LYS A 191 19.68 10.36 6.61
N ARG A 192 19.89 9.12 7.07
CA ARG A 192 21.13 8.41 6.74
C ARG A 192 21.26 8.22 5.22
N SER A 193 20.14 8.07 4.52
CA SER A 193 20.22 7.86 3.09
C SER A 193 20.33 9.10 2.22
N LEU A 194 19.67 10.19 2.62
CA LEU A 194 19.68 11.41 1.82
C LEU A 194 20.58 12.50 2.36
N GLY A 195 20.99 12.37 3.63
CA GLY A 195 21.83 13.38 4.24
C GLY A 195 23.21 13.52 3.63
N THR A 196 23.73 14.74 3.61
CA THR A 196 25.06 15.00 3.05
C THR A 196 26.11 14.70 4.10
N ALA A 197 27.34 14.50 3.63
CA ALA A 197 28.45 14.21 4.53
C ALA A 197 28.45 15.21 5.70
N PRO B 1 -4.20 -38.31 24.38
CA PRO B 1 -5.16 -37.99 23.31
C PRO B 1 -4.63 -37.44 21.98
N PHE B 2 -5.46 -36.63 21.33
CA PHE B 2 -5.18 -36.09 20.01
C PHE B 2 -3.94 -35.32 19.58
N THR B 3 -3.49 -35.74 18.40
CA THR B 3 -2.34 -35.19 17.67
C THR B 3 -2.82 -35.23 16.23
N MET B 4 -3.00 -34.05 15.62
CA MET B 4 -3.46 -33.93 14.25
C MET B 4 -2.75 -34.87 13.28
N PRO B 5 -3.52 -35.57 12.42
CA PRO B 5 -2.83 -36.46 11.48
C PRO B 5 -2.00 -35.54 10.61
N LYS B 6 -0.91 -36.03 10.03
CA LYS B 6 -0.07 -35.16 9.21
C LYS B 6 -0.78 -34.64 7.97
N GLN B 7 -0.43 -33.41 7.59
CA GLN B 7 -1.02 -32.72 6.46
C GLN B 7 -0.83 -33.36 5.08
N THR B 8 -1.87 -33.23 4.27
CA THR B 8 -1.90 -33.75 2.90
C THR B 8 -2.84 -32.84 2.09
N SER B 9 -2.71 -32.87 0.77
CA SER B 9 -3.56 -32.03 -0.07
C SER B 9 -4.94 -32.68 -0.25
N GLY B 10 -5.97 -31.89 0.02
CA GLY B 10 -7.33 -32.38 -0.11
C GLY B 10 -8.26 -31.42 -0.85
N LYS B 11 -9.51 -31.36 -0.40
CA LYS B 11 -10.52 -30.49 -0.99
C LYS B 11 -10.16 -29.01 -0.88
N TYR B 12 -9.73 -28.60 0.31
CA TYR B 12 -9.36 -27.21 0.56
C TYR B 12 -8.48 -26.65 -0.57
N GLU B 13 -7.31 -27.27 -0.75
CA GLU B 13 -6.37 -26.86 -1.78
C GLU B 13 -7.07 -26.86 -3.14
N LYS B 14 -7.84 -27.91 -3.41
CA LYS B 14 -8.57 -28.04 -4.68
C LYS B 14 -9.47 -26.83 -4.94
N ILE B 15 -10.22 -26.43 -3.92
CA ILE B 15 -11.12 -25.29 -4.04
C ILE B 15 -10.36 -23.97 -4.17
N LEU B 16 -9.33 -23.80 -3.35
CA LEU B 16 -8.57 -22.56 -3.38
C LEU B 16 -7.92 -22.34 -4.76
N GLN B 17 -7.33 -23.41 -5.30
CA GLN B 17 -6.71 -23.32 -6.62
C GLN B 17 -7.77 -23.04 -7.69
N ALA B 18 -8.92 -23.67 -7.54
CA ALA B 18 -10.02 -23.48 -8.48
C ALA B 18 -10.49 -22.03 -8.41
N ALA B 19 -10.71 -21.56 -7.18
CA ALA B 19 -11.15 -20.19 -6.95
C ALA B 19 -10.18 -19.20 -7.59
N ILE B 20 -8.88 -19.45 -7.43
CA ILE B 20 -7.86 -18.58 -8.00
C ILE B 20 -7.97 -18.59 -9.53
N GLU B 21 -8.24 -19.76 -10.10
CA GLU B 21 -8.38 -19.91 -11.53
C GLU B 21 -9.67 -19.27 -12.05
N VAL B 22 -10.77 -19.50 -11.35
CA VAL B 22 -12.05 -18.93 -11.76
C VAL B 22 -12.00 -17.41 -11.67
N ILE B 23 -11.38 -16.89 -10.62
CA ILE B 23 -11.27 -15.46 -10.44
C ILE B 23 -10.37 -14.81 -11.48
N SER B 24 -9.43 -15.57 -12.03
CA SER B 24 -8.54 -15.01 -13.06
C SER B 24 -9.31 -14.91 -14.37
N GLU B 25 -10.32 -15.77 -14.51
CA GLU B 25 -11.16 -15.81 -15.70
C GLU B 25 -12.01 -14.56 -15.90
N LYS B 26 -12.80 -14.21 -14.89
CA LYS B 26 -13.67 -13.04 -14.97
C LYS B 26 -13.38 -12.02 -13.88
N GLY B 27 -12.89 -12.49 -12.74
CA GLY B 27 -12.58 -11.59 -11.65
C GLY B 27 -13.74 -11.40 -10.70
N LEU B 28 -13.63 -12.02 -9.52
CA LEU B 28 -14.66 -11.93 -8.49
C LEU B 28 -16.06 -11.83 -9.11
N ASP B 29 -16.92 -10.97 -8.56
CA ASP B 29 -18.29 -10.79 -9.05
C ASP B 29 -18.48 -11.12 -10.54
N LYS B 30 -18.53 -12.41 -10.81
CA LYS B 30 -18.68 -12.99 -12.15
C LYS B 30 -18.35 -14.44 -11.92
N ALA B 31 -17.58 -14.67 -10.86
CA ALA B 31 -17.17 -15.99 -10.44
C ALA B 31 -18.19 -16.37 -9.38
N SER B 32 -18.83 -17.52 -9.58
CA SER B 32 -19.81 -17.99 -8.62
C SER B 32 -19.21 -19.18 -7.91
N ILE B 33 -19.74 -19.49 -6.74
CA ILE B 33 -19.26 -20.64 -5.98
C ILE B 33 -19.52 -21.86 -6.86
N SER B 34 -20.63 -21.82 -7.57
CA SER B 34 -21.01 -22.89 -8.49
C SER B 34 -19.91 -23.00 -9.54
N ASP B 35 -19.45 -21.84 -10.00
CA ASP B 35 -18.37 -21.74 -10.99
C ASP B 35 -17.15 -22.49 -10.46
N ILE B 36 -16.63 -21.99 -9.34
CA ILE B 36 -15.45 -22.55 -8.68
C ILE B 36 -15.62 -24.01 -8.28
N VAL B 37 -16.66 -24.29 -7.50
CA VAL B 37 -16.95 -25.65 -7.04
C VAL B 37 -16.99 -26.66 -8.18
N LYS B 38 -17.66 -26.30 -9.26
CA LYS B 38 -17.75 -27.20 -10.41
C LYS B 38 -16.39 -27.34 -11.08
N LYS B 39 -15.55 -26.33 -10.91
CA LYS B 39 -14.21 -26.35 -11.48
C LYS B 39 -13.28 -27.21 -10.64
N ALA B 40 -13.54 -27.27 -9.34
CA ALA B 40 -12.71 -28.07 -8.43
C ALA B 40 -13.18 -29.51 -8.34
N GLY B 41 -14.32 -29.80 -8.96
CA GLY B 41 -14.85 -31.15 -8.93
C GLY B 41 -15.38 -31.58 -7.58
N THR B 42 -16.23 -30.74 -7.00
CA THR B 42 -16.83 -31.02 -5.70
C THR B 42 -18.21 -30.37 -5.66
N ALA B 43 -18.92 -30.55 -4.55
CA ALA B 43 -20.25 -29.96 -4.38
C ALA B 43 -20.09 -28.58 -3.74
N GLN B 44 -21.15 -27.79 -3.70
CA GLN B 44 -21.07 -26.47 -3.09
C GLN B 44 -20.75 -26.58 -1.61
N GLY B 45 -21.20 -27.67 -0.99
CA GLY B 45 -20.95 -27.86 0.43
C GLY B 45 -19.48 -27.81 0.80
N THR B 46 -18.63 -28.29 -0.11
CA THR B 46 -17.20 -28.30 0.13
C THR B 46 -16.63 -26.89 0.22
N PHE B 47 -17.24 -25.96 -0.52
CA PHE B 47 -16.79 -24.59 -0.50
C PHE B 47 -17.11 -23.93 0.84
N TYR B 48 -18.36 -24.06 1.27
CA TYR B 48 -18.80 -23.46 2.52
C TYR B 48 -18.19 -24.06 3.76
N LEU B 49 -17.64 -25.27 3.62
CA LEU B 49 -16.99 -25.92 4.74
C LEU B 49 -15.72 -25.13 5.09
N TYR B 50 -15.07 -24.59 4.05
CA TYR B 50 -13.83 -23.84 4.23
C TYR B 50 -13.93 -22.32 4.10
N PHE B 51 -14.97 -21.83 3.43
CA PHE B 51 -15.13 -20.39 3.23
C PHE B 51 -16.59 -19.95 3.37
N SER B 52 -16.84 -18.97 4.23
CA SER B 52 -18.20 -18.48 4.44
C SER B 52 -18.70 -17.68 3.23
N SER B 53 -17.78 -17.20 2.41
CA SER B 53 -18.16 -16.42 1.23
C SER B 53 -16.98 -16.27 0.28
N LYS B 54 -17.19 -15.51 -0.80
CA LYS B 54 -16.14 -15.28 -1.78
C LYS B 54 -15.06 -14.40 -1.15
N ASN B 55 -15.48 -13.45 -0.32
CA ASN B 55 -14.56 -12.55 0.35
C ASN B 55 -13.61 -13.31 1.28
N ALA B 56 -14.12 -14.35 1.92
CA ALA B 56 -13.31 -15.15 2.84
C ALA B 56 -12.12 -15.84 2.15
N LEU B 57 -12.15 -15.89 0.82
CA LEU B 57 -11.07 -16.49 0.05
C LEU B 57 -9.82 -15.60 -0.01
N ILE B 58 -10.03 -14.28 0.05
CA ILE B 58 -8.93 -13.32 -0.04
C ILE B 58 -7.74 -13.55 0.89
N PRO B 59 -7.97 -13.64 2.21
CA PRO B 59 -6.83 -13.87 3.11
C PRO B 59 -6.00 -15.09 2.73
N ALA B 60 -6.67 -16.17 2.34
CA ALA B 60 -5.98 -17.40 1.96
C ALA B 60 -5.22 -17.21 0.66
N ILE B 61 -5.80 -16.46 -0.28
CA ILE B 61 -5.12 -16.22 -1.54
C ILE B 61 -3.86 -15.39 -1.27
N ALA B 62 -3.98 -14.40 -0.38
CA ALA B 62 -2.86 -13.55 -0.02
C ALA B 62 -1.73 -14.34 0.64
N GLU B 63 -2.08 -15.30 1.50
CA GLU B 63 -1.05 -16.09 2.16
C GLU B 63 -0.30 -16.92 1.12
N ASN B 64 -1.02 -17.46 0.14
CA ASN B 64 -0.38 -18.26 -0.88
C ASN B 64 0.59 -17.44 -1.73
N LEU B 65 0.22 -16.18 -2.04
CA LEU B 65 1.10 -15.33 -2.82
C LEU B 65 2.36 -15.02 -2.00
N LEU B 66 2.19 -14.81 -0.69
CA LEU B 66 3.30 -14.50 0.21
C LEU B 66 4.23 -15.69 0.31
N THR B 67 3.65 -16.88 0.41
CA THR B 67 4.45 -18.10 0.52
C THR B 67 5.21 -18.30 -0.79
N HIS B 68 4.54 -18.03 -1.90
CA HIS B 68 5.17 -18.17 -3.22
C HIS B 68 6.36 -17.22 -3.33
N THR B 69 6.15 -15.99 -2.87
CA THR B 69 7.20 -14.95 -2.92
C THR B 69 8.43 -15.35 -2.11
N LEU B 70 8.22 -15.79 -0.88
CA LEU B 70 9.34 -16.19 -0.03
C LEU B 70 10.04 -17.42 -0.61
N ASP B 71 9.26 -18.37 -1.12
CA ASP B 71 9.83 -19.58 -1.75
C ASP B 71 10.72 -19.20 -2.95
N GLN B 72 10.27 -18.27 -3.77
CA GLN B 72 11.03 -17.85 -4.95
C GLN B 72 12.39 -17.27 -4.53
N ILE B 73 12.36 -16.35 -3.57
CA ILE B 73 13.60 -15.73 -3.08
C ILE B 73 14.56 -16.77 -2.49
N LYS B 74 14.02 -17.66 -1.65
CA LYS B 74 14.84 -18.70 -1.04
C LYS B 74 15.36 -19.65 -2.11
N GLY B 75 14.56 -19.88 -3.14
CA GLY B 75 14.97 -20.78 -4.20
C GLY B 75 16.24 -20.35 -4.91
N ARG B 76 16.53 -19.05 -4.86
CA ARG B 76 17.73 -18.52 -5.50
C ARG B 76 18.88 -18.30 -4.53
N LEU B 77 18.73 -18.78 -3.30
CA LEU B 77 19.79 -18.61 -2.30
C LEU B 77 20.33 -19.93 -1.74
N HIS B 78 21.61 -19.92 -1.37
CA HIS B 78 22.25 -21.11 -0.81
C HIS B 78 22.34 -20.98 0.72
N GLY B 79 22.38 -19.74 1.21
CA GLY B 79 22.43 -19.52 2.65
C GLY B 79 23.65 -18.80 3.18
N ASP B 80 24.69 -18.69 2.37
CA ASP B 80 25.91 -18.00 2.80
C ASP B 80 26.14 -16.70 2.07
N GLU B 81 25.16 -16.27 1.29
CA GLU B 81 25.28 -15.04 0.52
C GLU B 81 25.42 -13.81 1.42
N ASP B 82 26.06 -12.77 0.89
CA ASP B 82 26.23 -11.52 1.62
C ASP B 82 24.90 -10.77 1.54
N PHE B 83 24.71 -9.80 2.43
CA PHE B 83 23.47 -9.05 2.47
C PHE B 83 23.03 -8.37 1.17
N TRP B 84 23.97 -7.73 0.49
CA TRP B 84 23.63 -7.03 -0.74
C TRP B 84 23.16 -7.96 -1.85
N THR B 85 23.66 -9.20 -1.84
CA THR B 85 23.28 -10.19 -2.82
C THR B 85 21.86 -10.69 -2.55
N VAL B 86 21.55 -10.87 -1.27
CA VAL B 86 20.20 -11.30 -0.89
C VAL B 86 19.21 -10.20 -1.31
N LEU B 87 19.54 -8.95 -0.99
CA LEU B 87 18.70 -7.79 -1.32
C LEU B 87 18.41 -7.72 -2.83
N ASP B 88 19.48 -7.85 -3.61
CA ASP B 88 19.35 -7.76 -5.06
C ASP B 88 18.36 -8.80 -5.56
N ILE B 89 18.46 -10.01 -5.01
CA ILE B 89 17.53 -11.07 -5.39
C ILE B 89 16.12 -10.76 -4.90
N LEU B 90 16.01 -10.17 -3.71
CA LEU B 90 14.69 -9.83 -3.16
C LEU B 90 14.01 -8.77 -4.04
N ILE B 91 14.79 -7.80 -4.49
CA ILE B 91 14.26 -6.75 -5.35
C ILE B 91 13.81 -7.34 -6.69
N ASP B 92 14.68 -8.15 -7.30
CA ASP B 92 14.38 -8.75 -8.60
C ASP B 92 13.10 -9.60 -8.54
N GLU B 93 13.02 -10.52 -7.57
CA GLU B 93 11.85 -11.38 -7.44
C GLU B 93 10.56 -10.61 -7.17
N THR B 94 10.62 -9.58 -6.34
CA THR B 94 9.45 -8.77 -6.03
C THR B 94 8.88 -8.08 -7.27
N PHE B 95 9.76 -7.55 -8.12
CA PHE B 95 9.31 -6.90 -9.35
C PHE B 95 8.76 -7.95 -10.30
N LEU B 96 9.44 -9.09 -10.38
CA LEU B 96 9.02 -10.19 -11.25
C LEU B 96 7.63 -10.71 -10.90
N ILE B 97 7.38 -10.88 -9.60
CA ILE B 97 6.11 -11.39 -9.11
C ILE B 97 4.99 -10.36 -9.26
N THR B 98 5.33 -9.09 -9.03
CA THR B 98 4.35 -8.03 -9.16
C THR B 98 3.92 -7.90 -10.62
N GLU B 99 4.86 -8.04 -11.53
CA GLU B 99 4.57 -7.94 -12.95
C GLU B 99 3.62 -9.06 -13.39
N ARG B 100 3.95 -10.28 -12.97
CA ARG B 100 3.18 -11.48 -13.31
C ARG B 100 1.85 -11.64 -12.58
N HIS B 101 1.80 -11.27 -11.30
CA HIS B 101 0.57 -11.44 -10.53
C HIS B 101 -0.06 -10.18 -9.99
N LYS B 102 0.05 -9.07 -10.71
CA LYS B 102 -0.53 -7.81 -10.26
C LYS B 102 -2.04 -7.91 -9.99
N ASP B 103 -2.75 -8.74 -10.75
CA ASP B 103 -4.19 -8.87 -10.53
C ASP B 103 -4.49 -9.52 -9.18
N ILE B 104 -3.60 -10.38 -8.72
CA ILE B 104 -3.78 -11.03 -7.42
C ILE B 104 -3.54 -10.01 -6.30
N ILE B 105 -2.53 -9.17 -6.49
CA ILE B 105 -2.19 -8.14 -5.52
C ILE B 105 -3.34 -7.14 -5.37
N VAL B 106 -3.88 -6.68 -6.50
CA VAL B 106 -5.00 -5.74 -6.49
C VAL B 106 -6.20 -6.41 -5.82
N LEU B 107 -6.45 -7.67 -6.14
CA LEU B 107 -7.55 -8.41 -5.54
C LEU B 107 -7.41 -8.46 -4.02
N CYS B 108 -6.18 -8.59 -3.54
CA CYS B 108 -5.96 -8.64 -2.09
C CYS B 108 -6.23 -7.29 -1.45
N TYR B 109 -5.83 -6.21 -2.10
CA TYR B 109 -6.07 -4.89 -1.53
C TYR B 109 -7.57 -4.62 -1.44
N SER B 110 -8.30 -4.99 -2.48
CA SER B 110 -9.74 -4.76 -2.51
C SER B 110 -10.51 -5.59 -1.49
N GLY B 111 -10.10 -6.84 -1.34
CA GLY B 111 -10.81 -7.73 -0.44
C GLY B 111 -10.54 -7.53 1.04
N LEU B 112 -9.28 -7.64 1.43
CA LEU B 112 -8.94 -7.46 2.82
C LEU B 112 -9.52 -6.13 3.32
N ALA B 113 -9.48 -5.11 2.45
CA ALA B 113 -9.99 -3.79 2.82
C ALA B 113 -11.50 -3.82 3.02
N ILE B 114 -12.22 -4.35 2.03
CA ILE B 114 -13.68 -4.44 2.12
C ILE B 114 -14.10 -5.07 3.46
N ASP B 115 -13.28 -6.00 3.96
CA ASP B 115 -13.56 -6.69 5.22
C ASP B 115 -12.98 -6.06 6.48
N HIS B 116 -12.34 -4.90 6.38
CA HIS B 116 -11.75 -4.25 7.54
C HIS B 116 -10.76 -5.21 8.20
N SER B 117 -9.91 -5.83 7.39
CA SER B 117 -8.92 -6.78 7.90
C SER B 117 -7.53 -6.64 7.29
N MET B 118 -7.13 -5.41 6.95
CA MET B 118 -5.81 -5.21 6.37
C MET B 118 -4.70 -5.62 7.35
N GLU B 119 -5.05 -5.79 8.63
CA GLU B 119 -4.09 -6.22 9.63
C GLU B 119 -3.72 -7.70 9.40
N LYS B 120 -4.64 -8.46 8.81
CA LYS B 120 -4.36 -9.87 8.55
C LYS B 120 -3.16 -9.97 7.60
N TRP B 121 -2.98 -8.97 6.75
CA TRP B 121 -1.85 -9.00 5.83
C TRP B 121 -0.51 -8.93 6.57
N GLU B 122 -0.45 -8.19 7.68
CA GLU B 122 0.80 -8.10 8.45
C GLU B 122 1.07 -9.44 9.11
N THR B 123 0.02 -10.11 9.57
CA THR B 123 0.17 -11.41 10.19
C THR B 123 0.71 -12.37 9.14
N ILE B 124 0.12 -12.28 7.94
CA ILE B 124 0.51 -13.13 6.84
C ILE B 124 1.99 -12.97 6.47
N TYR B 125 2.51 -11.75 6.57
CA TYR B 125 3.91 -11.49 6.24
C TYR B 125 4.93 -11.87 7.32
N GLN B 126 4.45 -12.24 8.49
CA GLN B 126 5.33 -12.59 9.60
C GLN B 126 6.51 -13.53 9.28
N PRO B 127 6.26 -14.63 8.56
CA PRO B 127 7.38 -15.54 8.24
C PRO B 127 8.44 -14.87 7.34
N TYR B 128 7.97 -13.96 6.47
CA TYR B 128 8.84 -13.23 5.55
C TYR B 128 9.63 -12.17 6.33
N TYR B 129 8.95 -11.45 7.21
CA TYR B 129 9.58 -10.44 8.04
C TYR B 129 10.67 -11.07 8.92
N SER B 130 10.32 -12.17 9.58
CA SER B 130 11.25 -12.87 10.47
C SER B 130 12.49 -13.37 9.73
N TRP B 131 12.26 -13.94 8.55
CA TRP B 131 13.36 -14.45 7.73
C TRP B 131 14.32 -13.31 7.38
N LEU B 132 13.77 -12.17 6.96
CA LEU B 132 14.62 -11.03 6.58
C LEU B 132 15.35 -10.50 7.81
N GLU B 133 14.61 -10.39 8.93
CA GLU B 133 15.17 -9.91 10.18
C GLU B 133 16.41 -10.74 10.55
N LYS B 134 16.31 -12.06 10.44
CA LYS B 134 17.44 -12.93 10.75
C LYS B 134 18.63 -12.63 9.83
N ILE B 135 18.33 -12.41 8.55
CA ILE B 135 19.38 -12.10 7.58
C ILE B 135 20.04 -10.77 7.90
N ILE B 136 19.26 -9.80 8.39
CA ILE B 136 19.82 -8.50 8.75
C ILE B 136 20.71 -8.64 9.98
N ASN B 137 20.33 -9.51 10.91
CA ASN B 137 21.11 -9.73 12.13
C ASN B 137 22.45 -10.34 11.74
N LYS B 138 22.42 -11.27 10.79
CA LYS B 138 23.65 -11.92 10.33
C LYS B 138 24.55 -10.89 9.63
N ALA B 139 23.93 -10.00 8.86
CA ALA B 139 24.70 -8.98 8.14
C ALA B 139 25.32 -7.95 9.10
N ILE B 140 24.68 -7.71 10.24
CA ILE B 140 25.20 -6.77 11.21
C ILE B 140 26.46 -7.37 11.84
N ALA B 141 26.38 -8.65 12.17
CA ALA B 141 27.51 -9.36 12.76
C ALA B 141 28.70 -9.40 11.81
N ASN B 142 28.42 -9.56 10.52
CA ASN B 142 29.49 -9.62 9.52
C ASN B 142 29.88 -8.24 9.01
N HIS B 143 29.48 -7.21 9.74
CA HIS B 143 29.81 -5.82 9.40
C HIS B 143 29.44 -5.39 7.98
N GLU B 144 28.38 -6.00 7.43
CA GLU B 144 27.90 -5.63 6.10
C GLU B 144 26.87 -4.52 6.24
N VAL B 145 26.16 -4.51 7.36
CA VAL B 145 25.13 -3.51 7.65
C VAL B 145 25.46 -2.77 8.95
N THR B 146 25.27 -1.45 8.95
CA THR B 146 25.57 -0.65 10.13
C THR B 146 24.95 -1.23 11.39
N GLU B 147 25.70 -1.15 12.48
CA GLU B 147 25.25 -1.67 13.76
C GLU B 147 24.33 -0.67 14.45
N GLY B 148 23.41 -1.16 15.26
CA GLY B 148 22.51 -0.27 15.97
C GLY B 148 21.09 -0.15 15.43
N ILE B 149 20.88 -0.50 14.16
CA ILE B 149 19.55 -0.41 13.60
C ILE B 149 18.63 -1.49 14.19
N ASN B 150 17.33 -1.23 14.20
CA ASN B 150 16.35 -2.18 14.68
C ASN B 150 16.05 -3.13 13.52
N SER B 151 16.47 -4.38 13.66
CA SER B 151 16.27 -5.41 12.63
C SER B 151 14.83 -5.70 12.25
N LYS B 152 13.95 -5.83 13.24
CA LYS B 152 12.56 -6.12 12.96
C LYS B 152 11.91 -4.99 12.16
N TRP B 153 12.16 -3.74 12.58
CA TRP B 153 11.60 -2.61 11.89
C TRP B 153 12.19 -2.45 10.49
N THR B 154 13.51 -2.65 10.38
CA THR B 154 14.17 -2.49 9.09
C THR B 154 13.76 -3.56 8.07
N ALA B 155 13.51 -4.77 8.54
CA ALA B 155 13.08 -5.85 7.64
C ALA B 155 11.75 -5.47 7.00
N ARG B 156 10.83 -4.94 7.82
CA ARG B 156 9.52 -4.53 7.32
C ARG B 156 9.62 -3.30 6.40
N THR B 157 10.48 -2.36 6.78
CA THR B 157 10.66 -1.15 5.99
C THR B 157 11.22 -1.49 4.61
N ILE B 158 12.21 -2.38 4.58
CA ILE B 158 12.82 -2.79 3.33
C ILE B 158 11.76 -3.41 2.40
N ILE B 159 11.00 -4.36 2.94
CA ILE B 159 9.98 -5.04 2.17
C ILE B 159 8.89 -4.08 1.68
N ASN B 160 8.49 -3.12 2.52
CA ASN B 160 7.47 -2.14 2.11
C ASN B 160 7.93 -1.35 0.89
N LEU B 161 9.07 -0.70 1.04
CA LEU B 161 9.64 0.15 0.01
C LEU B 161 9.81 -0.57 -1.31
N VAL B 162 10.36 -1.78 -1.27
CA VAL B 162 10.56 -2.54 -2.50
C VAL B 162 9.22 -2.86 -3.18
N GLU B 163 8.25 -3.36 -2.41
CA GLU B 163 6.94 -3.68 -2.97
C GLU B 163 6.20 -2.42 -3.46
N ASN B 164 6.30 -1.30 -2.75
CA ASN B 164 5.67 -0.04 -3.19
C ASN B 164 6.30 0.37 -4.51
N THR B 165 7.63 0.31 -4.61
CA THR B 165 8.22 0.69 -5.88
C THR B 165 7.72 -0.23 -7.04
N ALA B 166 7.69 -1.54 -6.80
CA ALA B 166 7.25 -2.47 -7.85
C ALA B 166 5.81 -2.19 -8.21
N GLU B 167 4.99 -1.86 -7.21
CA GLU B 167 3.58 -1.56 -7.44
C GLU B 167 3.40 -0.25 -8.20
N ARG B 168 4.20 0.74 -7.87
CA ARG B 168 4.12 2.02 -8.56
C ARG B 168 4.40 1.80 -10.05
N PHE B 169 5.37 0.93 -10.34
CA PHE B 169 5.75 0.65 -11.72
C PHE B 169 4.73 -0.19 -12.51
N TYR B 170 4.38 -1.37 -11.99
CA TYR B 170 3.47 -2.25 -12.71
C TYR B 170 1.99 -2.00 -12.51
N ILE B 171 1.61 -1.43 -11.37
CA ILE B 171 0.21 -1.17 -11.08
C ILE B 171 -0.13 0.32 -11.17
N GLY B 172 0.81 1.17 -10.75
CA GLY B 172 0.58 2.59 -10.83
C GLY B 172 0.95 3.11 -12.21
N PHE B 173 1.63 2.27 -12.99
CA PHE B 173 2.08 2.61 -14.34
C PHE B 173 3.11 3.75 -14.39
N GLU B 174 3.88 3.91 -13.32
CA GLU B 174 4.90 4.94 -13.30
C GLU B 174 6.10 4.27 -13.98
N GLN B 175 6.23 4.45 -15.29
CA GLN B 175 7.31 3.83 -16.05
C GLN B 175 8.05 4.89 -16.89
N ASP B 176 8.54 5.92 -16.21
CA ASP B 176 9.26 7.02 -16.87
C ASP B 176 10.70 6.59 -17.16
N GLU B 177 11.06 5.41 -16.67
CA GLU B 177 12.40 4.87 -16.89
C GLU B 177 12.32 3.35 -17.05
N ASN B 178 13.38 2.75 -17.60
CA ASN B 178 13.44 1.30 -17.76
C ASN B 178 13.31 0.73 -16.34
N VAL B 179 12.61 -0.39 -16.20
CA VAL B 179 12.44 -1.00 -14.89
C VAL B 179 13.75 -1.30 -14.13
N GLU B 180 14.83 -1.56 -14.86
CA GLU B 180 16.11 -1.82 -14.20
C GLU B 180 16.61 -0.58 -13.46
N VAL B 181 16.29 0.60 -13.96
CA VAL B 181 16.74 1.83 -13.29
C VAL B 181 16.01 1.97 -11.96
N TYR B 182 14.71 1.63 -11.94
CA TYR B 182 13.95 1.69 -10.70
C TYR B 182 14.50 0.72 -9.67
N LYS B 183 14.77 -0.52 -10.09
CA LYS B 183 15.32 -1.54 -9.19
C LYS B 183 16.66 -1.09 -8.62
N LYS B 184 17.51 -0.54 -9.48
CA LYS B 184 18.82 -0.05 -9.03
C LYS B 184 18.64 1.13 -8.07
N GLU B 185 17.64 1.96 -8.33
CA GLU B 185 17.35 3.11 -7.50
C GLU B 185 17.03 2.70 -6.06
N ILE B 186 16.18 1.67 -5.91
CA ILE B 186 15.80 1.19 -4.58
C ILE B 186 17.01 0.64 -3.86
N PHE B 187 17.81 -0.11 -4.59
CA PHE B 187 19.01 -0.74 -4.04
C PHE B 187 19.98 0.30 -3.51
N THR B 188 20.25 1.34 -4.29
CA THR B 188 21.17 2.40 -3.87
C THR B 188 20.61 3.16 -2.66
N PHE B 189 19.32 3.45 -2.69
CA PHE B 189 18.67 4.15 -1.59
C PHE B 189 18.84 3.37 -0.29
N LEU B 190 18.64 2.05 -0.36
CA LEU B 190 18.78 1.17 0.80
C LEU B 190 20.23 1.00 1.23
N LYS B 191 21.13 0.92 0.25
CA LYS B 191 22.55 0.76 0.55
C LYS B 191 23.13 2.02 1.22
N ARG B 192 22.72 3.20 0.79
CA ARG B 192 23.25 4.41 1.41
C ARG B 192 22.76 4.49 2.86
N SER B 193 21.58 3.96 3.14
CA SER B 193 21.02 4.02 4.50
C SER B 193 21.49 2.95 5.48
N LEU B 194 21.58 1.70 5.02
CA LEU B 194 22.00 0.61 5.90
C LEU B 194 23.48 0.32 5.72
N GLY B 195 24.05 0.81 4.62
CA GLY B 195 25.45 0.60 4.31
C GLY B 195 26.44 0.87 5.42
N THR B 196 27.48 0.03 5.46
CA THR B 196 28.53 0.14 6.45
C THR B 196 29.43 1.37 6.25
C1 BTB C . -0.23 6.68 -3.89
O1 BTB C . -0.82 5.84 -4.88
C2 BTB C . 0.59 5.87 -2.82
C3 BTB C . 1.18 6.90 -1.84
O3 BTB C . 1.94 6.25 -0.82
C4 BTB C . 1.86 5.27 -3.49
O4 BTB C . 1.59 4.27 -4.47
N BTB C . -0.29 4.78 -2.06
C5 BTB C . -1.62 5.28 -1.50
C6 BTB C . -1.52 6.35 -0.41
O6 BTB C . -0.95 5.75 0.76
C7 BTB C . -0.70 3.70 -3.00
C8 BTB C . -0.71 2.35 -2.28
O8 BTB C . 0.41 2.24 -1.40
C1 BTB D . 2.14 -6.24 4.25
O1 BTB D . 0.93 -5.90 4.94
C2 BTB D . 2.71 -5.03 3.44
C3 BTB D . 4.01 -5.50 2.75
O3 BTB D . 4.58 -4.44 1.98
C4 BTB D . 3.25 -3.93 4.44
O4 BTB D . 2.25 -3.32 5.23
N BTB D . 1.69 -4.44 2.37
C5 BTB D . 0.98 -5.48 1.52
C6 BTB D . 1.87 -6.33 0.61
O6 BTB D . 2.44 -5.47 -0.38
C7 BTB D . 0.58 -3.73 3.05
C8 BTB D . 0.19 -2.48 2.24
O8 BTB D . 1.31 -1.99 1.50
#